data_3SPI
#
_entry.id   3SPI
#
_cell.length_a   83.326
_cell.length_b   83.326
_cell.length_c   184.809
_cell.angle_alpha   90.00
_cell.angle_beta   90.00
_cell.angle_gamma   90.00
#
_symmetry.space_group_name_H-M   'I 4'
#
loop_
_entity.id
_entity.type
_entity.pdbx_description
1 polymer 'Inward-rectifier K+ channel Kir2.2'
2 non-polymer 'POTASSIUM ION'
3 non-polymer '[(2R)-2-octanoyloxy-3-[oxidanyl-[(1R,2R,3S,4R,5R,6S)-2,3,6-tris(oxidanyl)-4,5-diphosphonooxy-cyclohexyl]oxy-phosphoryl]oxy-propyl] octanoate'
#
_entity_poly.entity_id   1
_entity_poly.type   'polypeptide(L)'
_entity_poly.pdbx_seq_one_letter_code
;MARRKCRNRFVKKNGQCNVEFTNMDDKPQRYIADMFTTCVDIRWRYMLLLFSLAFLVSWLLFGLIFWLIALIHGDLENPG
GDDTFKPCVLQVNGFVAAFLFSIETQTTIGYGFRCVTEECPLAVFMVVVQSIVGCIIDSFMIGAIMAKMARPKKRAQTLL
FSHNAVVAMRDGKLCLMWRVGNLRKSHIVEAHVRAQLIKPRITEEGEYIPLDQIDIDVGFDKGLDRIFLVSPITILHEIN
EDSPLFGISRQDLETDDFEIVVILEGMVEATAMTTQARSSYLASEILWGHRFEPVLFEEKNQYKVDYSHFHKTYEVPSTP
RCSAKDLVENKFLLSNSLEVLFQ
;
_entity_poly.pdbx_strand_id   A
#
loop_
_chem_comp.id
_chem_comp.type
_chem_comp.name
_chem_comp.formula
K non-polymer 'POTASSIUM ION' 'K 1'
PIO non-polymer '[(2R)-2-octanoyloxy-3-[oxidanyl-[(1R,2R,3S,4R,5R,6S)-2,3,6-tris(oxidanyl)-4,5-diphosphonooxy-cyclohexyl]oxy-phosphoryl]oxy-propyl] octanoate' 'C25 H49 O19 P3'
#
# COMPACT_ATOMS: atom_id res chain seq x y z
N CYS A 6 24.93 -14.74 -8.37
CA CYS A 6 24.63 -14.81 -6.93
C CYS A 6 23.58 -13.79 -6.52
N ARG A 7 23.65 -12.60 -7.11
CA ARG A 7 22.77 -11.49 -6.73
C ARG A 7 22.24 -10.77 -7.97
N ASN A 8 21.20 -9.95 -7.80
CA ASN A 8 20.57 -9.70 -6.51
C ASN A 8 19.05 -9.89 -6.56
N ARG A 9 18.37 -9.42 -5.53
CA ARG A 9 16.92 -9.60 -5.38
C ARG A 9 16.08 -8.38 -5.77
N PHE A 10 15.19 -8.61 -6.74
CA PHE A 10 14.34 -7.57 -7.33
C PHE A 10 13.14 -7.19 -6.46
N VAL A 11 12.55 -8.17 -5.79
CA VAL A 11 11.53 -7.88 -4.77
C VAL A 11 12.02 -8.50 -3.46
N LYS A 12 12.08 -7.69 -2.41
CA LYS A 12 12.49 -8.20 -1.11
C LYS A 12 11.43 -9.13 -0.53
N LYS A 13 11.70 -9.70 0.64
CA LYS A 13 10.78 -10.67 1.22
C LYS A 13 9.54 -10.01 1.80
N ASN A 14 9.69 -8.77 2.25
CA ASN A 14 8.56 -8.02 2.79
C ASN A 14 7.61 -7.57 1.70
N GLY A 15 8.00 -7.80 0.45
CA GLY A 15 7.23 -7.39 -0.69
C GLY A 15 7.79 -6.11 -1.29
N GLN A 16 8.54 -5.37 -0.48
CA GLN A 16 9.15 -4.13 -0.93
C GLN A 16 9.96 -4.40 -2.19
N CYS A 17 9.78 -3.55 -3.20
CA CYS A 17 10.50 -3.70 -4.46
C CYS A 17 11.86 -3.01 -4.40
N ASN A 18 12.88 -3.67 -4.93
CA ASN A 18 14.20 -3.09 -4.95
C ASN A 18 14.48 -2.57 -6.35
N VAL A 19 14.26 -1.28 -6.54
CA VAL A 19 14.53 -0.60 -7.80
C VAL A 19 14.37 0.91 -7.60
N GLU A 20 14.99 1.71 -8.46
CA GLU A 20 14.81 3.16 -8.40
C GLU A 20 14.69 3.85 -9.75
N PHE A 21 13.84 4.86 -9.83
CA PHE A 21 13.63 5.58 -11.08
C PHE A 21 14.54 6.80 -11.13
N THR A 22 15.14 7.06 -12.29
CA THR A 22 16.05 8.19 -12.47
C THR A 22 15.80 8.86 -13.82
N ASN A 23 16.30 10.08 -14.00
CA ASN A 23 16.15 10.71 -15.31
C ASN A 23 14.72 10.59 -15.81
N MET A 24 13.77 10.76 -14.89
CA MET A 24 12.37 10.78 -15.30
C MET A 24 11.89 12.01 -16.06
N ASP A 25 12.72 13.03 -16.23
CA ASP A 25 12.24 14.27 -16.83
C ASP A 25 11.04 14.97 -16.16
N ASP A 26 9.89 14.91 -16.84
CA ASP A 26 8.69 15.68 -16.47
C ASP A 26 8.17 15.52 -15.05
N LYS A 27 8.91 14.76 -14.24
CA LYS A 27 8.45 14.31 -12.94
C LYS A 27 7.69 15.42 -12.16
N PRO A 28 8.26 16.63 -12.10
CA PRO A 28 7.61 17.73 -11.36
C PRO A 28 6.22 18.11 -11.87
N GLN A 29 6.05 18.27 -13.18
CA GLN A 29 4.78 18.74 -13.74
C GLN A 29 3.71 17.66 -13.76
N ARG A 30 4.15 16.41 -13.86
CA ARG A 30 3.25 15.26 -13.83
C ARG A 30 2.78 14.95 -12.41
N TYR A 31 3.62 15.29 -11.43
CA TYR A 31 3.29 15.07 -10.03
C TYR A 31 2.32 16.12 -9.50
N ILE A 32 2.33 17.30 -10.12
CA ILE A 32 1.41 18.37 -9.73
C ILE A 32 -0.04 18.03 -10.09
N ALA A 33 -0.24 17.37 -11.23
CA ALA A 33 -1.57 16.99 -11.67
C ALA A 33 -2.11 15.83 -10.86
N ASP A 34 -1.21 14.93 -10.47
CA ASP A 34 -1.55 13.77 -9.65
C ASP A 34 -1.34 14.07 -8.17
N MET A 35 -1.11 15.34 -7.87
CA MET A 35 -0.63 15.80 -6.57
C MET A 35 -1.31 15.15 -5.37
N PHE A 36 -2.61 14.94 -5.45
CA PHE A 36 -3.35 14.30 -4.35
C PHE A 36 -2.78 12.92 -3.99
N THR A 37 -2.35 12.17 -4.99
CA THR A 37 -1.84 10.82 -4.78
C THR A 37 -0.61 10.80 -3.89
N THR A 38 0.25 11.79 -4.04
CA THR A 38 1.47 11.89 -3.25
C THR A 38 1.14 12.29 -1.83
N CYS A 39 0.27 13.28 -1.70
CA CYS A 39 -0.07 13.87 -0.41
C CYS A 39 -0.44 12.83 0.64
N VAL A 40 -1.10 11.76 0.22
CA VAL A 40 -1.55 10.73 1.15
C VAL A 40 -0.51 9.66 1.52
N ASP A 41 0.59 9.60 0.76
CA ASP A 41 1.64 8.64 1.07
C ASP A 41 2.75 9.17 1.97
N ILE A 42 2.78 10.49 2.17
CA ILE A 42 3.79 11.10 3.01
C ILE A 42 3.49 10.83 4.48
N ARG A 43 4.51 10.91 5.34
CA ARG A 43 4.32 10.67 6.76
C ARG A 43 3.26 11.61 7.32
N TRP A 44 2.52 11.12 8.31
CA TRP A 44 1.47 11.91 8.97
C TRP A 44 1.96 13.31 9.31
N ARG A 45 3.00 13.38 10.14
CA ARG A 45 3.53 14.66 10.62
C ARG A 45 3.69 15.67 9.49
N TYR A 46 4.05 15.20 8.30
CA TYR A 46 4.22 16.08 7.16
C TYR A 46 2.88 16.56 6.60
N MET A 47 1.92 15.65 6.46
CA MET A 47 0.60 16.01 5.98
C MET A 47 -0.10 16.96 6.95
N LEU A 48 0.17 16.75 8.23
CA LEU A 48 -0.44 17.55 9.29
C LEU A 48 0.18 18.94 9.32
N LEU A 49 1.49 18.97 9.56
CA LEU A 49 2.24 20.23 9.55
C LEU A 49 1.84 21.02 8.31
N LEU A 50 1.69 20.33 7.19
CA LEU A 50 1.26 20.94 5.94
C LEU A 50 -0.07 21.69 6.12
N PHE A 51 -1.05 21.00 6.71
CA PHE A 51 -2.38 21.57 6.89
C PHE A 51 -2.39 22.70 7.91
N SER A 52 -1.70 22.50 9.03
CA SER A 52 -1.53 23.55 10.03
C SER A 52 -0.82 24.75 9.43
N LEU A 53 0.05 24.48 8.46
CA LEU A 53 0.70 25.56 7.72
C LEU A 53 -0.34 26.37 6.96
N ALA A 54 -1.30 25.66 6.37
CA ALA A 54 -2.35 26.32 5.59
C ALA A 54 -3.23 27.16 6.50
N PHE A 55 -3.70 26.55 7.58
CA PHE A 55 -4.47 27.25 8.59
C PHE A 55 -3.75 28.53 8.98
N LEU A 56 -2.55 28.36 9.55
CA LEU A 56 -1.74 29.48 10.01
C LEU A 56 -1.66 30.59 8.97
N VAL A 57 -1.51 30.19 7.71
CA VAL A 57 -1.37 31.16 6.62
C VAL A 57 -2.64 31.97 6.35
N SER A 58 -3.79 31.32 6.46
CA SER A 58 -5.06 32.00 6.23
C SER A 58 -5.43 32.88 7.41
N TRP A 59 -5.09 32.44 8.61
CA TRP A 59 -5.31 33.22 9.81
C TRP A 59 -4.51 34.52 9.76
N LEU A 60 -3.22 34.41 9.43
CA LEU A 60 -2.35 35.57 9.29
C LEU A 60 -2.81 36.50 8.17
N LEU A 61 -3.19 35.92 7.04
CA LEU A 61 -3.60 36.72 5.89
C LEU A 61 -4.79 37.61 6.24
N PHE A 62 -5.86 36.97 6.74
CA PHE A 62 -7.06 37.71 7.09
C PHE A 62 -6.78 38.65 8.25
N GLY A 63 -6.03 38.17 9.23
CA GLY A 63 -5.65 38.99 10.37
C GLY A 63 -5.09 40.32 9.89
N LEU A 64 -4.25 40.27 8.86
CA LEU A 64 -3.65 41.47 8.29
C LEU A 64 -4.72 42.36 7.69
N ILE A 65 -5.62 41.77 6.91
CA ILE A 65 -6.70 42.52 6.30
C ILE A 65 -7.48 43.25 7.38
N PHE A 66 -7.92 42.51 8.39
CA PHE A 66 -8.69 43.07 9.48
C PHE A 66 -7.90 44.18 10.18
N TRP A 67 -6.61 43.94 10.40
CA TRP A 67 -5.78 44.92 11.07
C TRP A 67 -5.63 46.17 10.21
N LEU A 68 -5.45 45.97 8.91
CA LEU A 68 -5.39 47.05 7.95
C LEU A 68 -6.67 47.87 8.01
N ILE A 69 -7.80 47.16 8.04
CA ILE A 69 -9.11 47.80 8.08
C ILE A 69 -9.25 48.58 9.38
N ALA A 70 -8.85 47.96 10.48
CA ALA A 70 -8.91 48.61 11.78
C ALA A 70 -8.02 49.85 11.82
N LEU A 71 -6.81 49.73 11.29
CA LEU A 71 -5.87 50.84 11.21
C LEU A 71 -6.46 52.04 10.48
N ILE A 72 -6.86 51.82 9.22
CA ILE A 72 -7.40 52.89 8.40
C ILE A 72 -8.66 53.52 8.98
N HIS A 73 -9.58 52.69 9.44
CA HIS A 73 -10.83 53.16 10.02
C HIS A 73 -10.55 54.01 11.26
N GLY A 74 -9.40 53.75 11.89
CA GLY A 74 -9.03 54.44 13.11
C GLY A 74 -9.50 53.73 14.36
N ASP A 75 -9.73 52.42 14.24
CA ASP A 75 -10.18 51.62 15.36
C ASP A 75 -9.07 51.37 16.37
N LEU A 76 -7.84 51.27 15.88
CA LEU A 76 -6.71 51.02 16.77
C LEU A 76 -6.70 52.02 17.91
N GLU A 77 -7.13 53.25 17.63
CA GLU A 77 -7.18 54.30 18.63
C GLU A 77 -8.50 54.33 19.41
N ASN A 78 -9.53 53.66 18.89
CA ASN A 78 -10.82 53.60 19.57
C ASN A 78 -11.54 52.25 19.43
N PRO A 79 -10.95 51.19 20.01
CA PRO A 79 -11.39 49.82 19.74
C PRO A 79 -12.84 49.56 20.18
N GLY A 80 -13.29 50.28 21.20
CA GLY A 80 -14.62 50.05 21.75
C GLY A 80 -15.67 51.04 21.29
N GLY A 81 -15.25 52.13 20.64
CA GLY A 81 -16.19 53.09 20.11
C GLY A 81 -16.97 53.82 21.18
N ASP A 82 -17.89 54.67 20.75
CA ASP A 82 -18.75 55.41 21.67
C ASP A 82 -20.03 55.82 20.95
N ASP A 83 -20.80 56.70 21.58
CA ASP A 83 -22.06 57.15 21.00
C ASP A 83 -21.87 57.67 19.58
N THR A 84 -20.79 58.40 19.36
CA THR A 84 -20.52 59.01 18.06
C THR A 84 -19.66 58.20 17.09
N PHE A 85 -19.09 57.10 17.57
CA PHE A 85 -18.17 56.31 16.75
C PHE A 85 -18.33 54.80 16.96
N LYS A 86 -18.52 54.07 15.85
CA LYS A 86 -18.63 52.61 15.83
C LYS A 86 -17.52 51.99 14.99
N PRO A 87 -16.64 51.21 15.63
CA PRO A 87 -15.55 50.53 14.93
C PRO A 87 -16.01 49.50 13.91
N CYS A 88 -15.13 49.11 13.00
CA CYS A 88 -15.43 48.06 12.01
C CYS A 88 -15.62 46.72 12.72
N VAL A 89 -14.64 46.36 13.53
CA VAL A 89 -14.70 45.18 14.37
C VAL A 89 -14.28 45.59 15.78
N LEU A 90 -15.16 45.34 16.73
CA LEU A 90 -14.91 45.74 18.12
C LEU A 90 -13.65 45.09 18.70
N GLN A 91 -12.97 45.86 19.54
CA GLN A 91 -11.87 45.34 20.34
C GLN A 91 -10.62 44.87 19.59
N VAL A 92 -10.38 45.43 18.41
CA VAL A 92 -9.11 45.16 17.75
C VAL A 92 -8.20 46.37 17.97
N ASN A 93 -7.25 46.21 18.88
CA ASN A 93 -6.36 47.29 19.25
C ASN A 93 -4.98 47.24 18.59
N GLY A 94 -4.73 46.19 17.82
CA GLY A 94 -3.42 45.97 17.24
C GLY A 94 -3.32 44.70 16.42
N PHE A 95 -2.09 44.25 16.21
CA PHE A 95 -1.83 43.08 15.39
C PHE A 95 -2.39 41.81 16.02
N VAL A 96 -1.98 41.52 17.25
CA VAL A 96 -2.39 40.28 17.93
C VAL A 96 -3.91 40.20 18.07
N ALA A 97 -4.53 41.34 18.35
CA ALA A 97 -5.98 41.42 18.42
C ALA A 97 -6.61 41.07 17.08
N ALA A 98 -6.07 41.63 16.01
CA ALA A 98 -6.56 41.34 14.67
C ALA A 98 -6.33 39.87 14.33
N PHE A 99 -5.23 39.32 14.82
CA PHE A 99 -4.92 37.91 14.62
C PHE A 99 -5.95 37.03 15.32
N LEU A 100 -6.15 37.28 16.60
CA LEU A 100 -7.10 36.52 17.41
C LEU A 100 -8.47 36.47 16.76
N PHE A 101 -8.95 37.63 16.33
CA PHE A 101 -10.26 37.72 15.68
C PHE A 101 -10.32 36.90 14.41
N SER A 102 -9.24 36.91 13.64
CA SER A 102 -9.16 36.13 12.41
C SER A 102 -9.35 34.64 12.72
N ILE A 103 -8.63 34.16 13.73
CA ILE A 103 -8.75 32.77 14.16
C ILE A 103 -10.16 32.45 14.67
N GLU A 104 -10.64 33.26 15.61
CA GLU A 104 -11.97 33.05 16.19
C GLU A 104 -13.03 32.93 15.10
N THR A 105 -12.86 33.69 14.03
CA THR A 105 -13.83 33.71 12.94
C THR A 105 -13.74 32.44 12.10
N GLN A 106 -12.53 32.10 11.67
CA GLN A 106 -12.33 30.99 10.77
C GLN A 106 -12.57 29.64 11.46
N THR A 107 -12.31 29.59 12.76
CA THR A 107 -12.50 28.38 13.55
C THR A 107 -13.95 28.24 14.01
N THR A 108 -14.69 29.34 13.89
CA THR A 108 -16.06 29.45 14.41
C THR A 108 -16.20 29.33 15.93
N ILE A 109 -15.12 29.57 16.67
CA ILE A 109 -15.21 29.63 18.12
C ILE A 109 -16.08 30.82 18.51
N GLY A 110 -15.67 31.99 18.02
CA GLY A 110 -16.46 33.20 18.20
C GLY A 110 -16.77 33.52 19.65
N TYR A 111 -15.72 33.62 20.47
CA TYR A 111 -15.90 33.98 21.87
C TYR A 111 -16.84 35.17 21.94
N GLY A 112 -16.60 36.15 21.08
CA GLY A 112 -17.50 37.27 20.93
C GLY A 112 -16.96 38.57 21.51
N PHE A 113 -15.83 38.51 22.21
CA PHE A 113 -15.23 39.71 22.76
C PHE A 113 -14.76 40.63 21.64
N ARG A 114 -14.10 40.05 20.64
CA ARG A 114 -13.89 40.74 19.39
C ARG A 114 -15.01 40.35 18.43
N CYS A 115 -15.71 41.35 17.91
CA CYS A 115 -16.93 41.09 17.15
C CYS A 115 -17.16 42.09 16.03
N VAL A 116 -17.63 41.59 14.88
CA VAL A 116 -17.93 42.43 13.74
C VAL A 116 -19.14 43.29 14.02
N THR A 117 -19.15 44.51 13.50
CA THR A 117 -20.31 45.39 13.61
C THR A 117 -20.93 45.60 12.23
N GLU A 118 -22.02 46.36 12.18
CA GLU A 118 -22.74 46.54 10.93
C GLU A 118 -22.13 47.66 10.11
N GLU A 119 -21.03 48.22 10.61
CA GLU A 119 -20.46 49.43 10.02
C GLU A 119 -19.76 49.21 8.68
N CYS A 120 -18.69 48.42 8.70
CA CYS A 120 -17.93 48.19 7.47
C CYS A 120 -18.44 47.01 6.66
N PRO A 121 -18.85 47.28 5.40
CA PRO A 121 -19.23 46.23 4.46
C PRO A 121 -18.01 45.41 4.05
N LEU A 122 -16.83 46.00 4.13
CA LEU A 122 -15.61 45.31 3.75
C LEU A 122 -15.20 44.31 4.82
N ALA A 123 -15.34 44.72 6.08
CA ALA A 123 -15.11 43.82 7.21
C ALA A 123 -16.11 42.67 7.14
N VAL A 124 -17.37 43.02 6.95
CA VAL A 124 -18.43 42.04 6.80
C VAL A 124 -18.09 41.08 5.66
N PHE A 125 -17.81 41.66 4.49
CA PHE A 125 -17.43 40.88 3.33
C PHE A 125 -16.27 39.94 3.65
N MET A 126 -15.23 40.50 4.27
CA MET A 126 -14.03 39.73 4.59
C MET A 126 -14.39 38.52 5.45
N VAL A 127 -15.20 38.77 6.47
CA VAL A 127 -15.72 37.70 7.32
C VAL A 127 -16.43 36.64 6.49
N VAL A 128 -17.30 37.10 5.59
CA VAL A 128 -17.98 36.19 4.67
C VAL A 128 -16.96 35.32 3.95
N VAL A 129 -16.01 35.97 3.28
CA VAL A 129 -15.02 35.27 2.50
C VAL A 129 -14.27 34.27 3.37
N GLN A 130 -13.83 34.73 4.54
CA GLN A 130 -13.03 33.92 5.44
C GLN A 130 -13.79 32.69 5.91
N SER A 131 -15.09 32.87 6.16
CA SER A 131 -15.93 31.76 6.58
C SER A 131 -15.93 30.69 5.51
N ILE A 132 -16.31 31.07 4.30
CA ILE A 132 -16.31 30.17 3.16
C ILE A 132 -14.96 29.46 3.03
N VAL A 133 -13.90 30.26 2.98
CA VAL A 133 -12.54 29.74 2.96
C VAL A 133 -12.34 28.68 4.03
N GLY A 134 -12.78 29.00 5.25
CA GLY A 134 -12.64 28.10 6.38
C GLY A 134 -13.18 26.72 6.09
N CYS A 135 -14.39 26.66 5.56
CA CYS A 135 -15.04 25.40 5.25
C CYS A 135 -14.18 24.64 4.25
N ILE A 136 -13.67 25.35 3.26
CA ILE A 136 -12.90 24.73 2.18
C ILE A 136 -11.70 23.95 2.71
N ILE A 137 -10.89 24.61 3.54
CA ILE A 137 -9.71 23.97 4.12
C ILE A 137 -10.05 22.75 4.96
N ASP A 138 -11.08 22.89 5.80
CA ASP A 138 -11.54 21.78 6.62
C ASP A 138 -11.83 20.59 5.73
N SER A 139 -12.67 20.81 4.72
CA SER A 139 -13.09 19.77 3.79
C SER A 139 -11.90 19.00 3.23
N PHE A 140 -10.88 19.73 2.81
CA PHE A 140 -9.65 19.10 2.30
C PHE A 140 -8.99 18.24 3.37
N MET A 141 -8.93 18.76 4.59
CA MET A 141 -8.28 18.04 5.68
C MET A 141 -9.00 16.74 5.94
N ILE A 142 -10.33 16.81 6.02
CA ILE A 142 -11.15 15.63 6.25
C ILE A 142 -10.83 14.58 5.19
N GLY A 143 -11.01 14.95 3.93
CA GLY A 143 -10.77 14.03 2.84
C GLY A 143 -9.40 13.40 2.92
N ALA A 144 -8.37 14.23 3.04
CA ALA A 144 -7.00 13.77 3.17
C ALA A 144 -6.86 12.76 4.30
N ILE A 145 -7.31 13.13 5.49
CA ILE A 145 -7.22 12.29 6.67
C ILE A 145 -8.03 11.00 6.47
N MET A 146 -9.28 11.15 6.04
CA MET A 146 -10.12 10.03 5.67
C MET A 146 -9.39 9.05 4.75
N ALA A 147 -8.97 9.56 3.60
CA ALA A 147 -8.21 8.77 2.63
C ALA A 147 -7.01 8.05 3.27
N LYS A 148 -6.03 8.82 3.73
CA LYS A 148 -4.81 8.23 4.27
C LYS A 148 -5.04 7.20 5.38
N MET A 149 -5.95 7.52 6.29
CA MET A 149 -6.31 6.61 7.37
C MET A 149 -6.75 5.25 6.80
N ALA A 150 -7.45 5.30 5.66
CA ALA A 150 -8.16 4.13 5.13
C ALA A 150 -7.37 3.28 4.11
N ARG A 151 -6.09 3.61 3.90
CA ARG A 151 -5.31 2.91 2.87
C ARG A 151 -5.25 1.39 3.06
N PRO A 152 -5.67 0.64 2.02
CA PRO A 152 -5.80 -0.81 1.98
C PRO A 152 -4.46 -1.55 1.96
N LYS A 153 -3.37 -0.87 1.61
CA LYS A 153 -2.07 -1.50 1.57
C LYS A 153 -1.59 -1.90 2.97
N LYS A 154 -2.22 -1.31 3.99
CA LYS A 154 -1.91 -1.65 5.37
C LYS A 154 -2.34 -3.08 5.71
N ARG A 155 -3.38 -3.56 5.05
CA ARG A 155 -3.91 -4.90 5.28
C ARG A 155 -2.92 -5.99 4.87
N ALA A 156 -2.01 -5.64 3.96
CA ALA A 156 -1.05 -6.61 3.44
C ALA A 156 -0.09 -7.08 4.54
N GLN A 157 -0.14 -6.41 5.69
CA GLN A 157 0.75 -6.74 6.79
C GLN A 157 0.13 -7.79 7.71
N THR A 158 -1.17 -8.02 7.55
CA THR A 158 -1.83 -9.15 8.22
C THR A 158 -1.96 -10.37 7.31
N LEU A 159 -1.38 -10.28 6.13
CA LEU A 159 -1.31 -11.41 5.19
C LEU A 159 0.10 -11.99 5.22
N LEU A 160 0.22 -13.29 4.97
CA LEU A 160 1.48 -14.00 5.20
C LEU A 160 1.88 -14.95 4.07
N PHE A 161 3.18 -14.98 3.80
CA PHE A 161 3.78 -15.95 2.87
C PHE A 161 4.75 -16.83 3.63
N SER A 162 4.98 -18.05 3.13
CA SER A 162 5.95 -18.93 3.76
C SER A 162 7.34 -18.38 3.52
N HIS A 163 8.22 -18.54 4.50
CA HIS A 163 9.58 -18.02 4.38
C HIS A 163 10.31 -18.71 3.24
N ASN A 164 9.93 -19.96 2.96
CA ASN A 164 10.49 -20.71 1.85
C ASN A 164 9.42 -21.27 0.92
N ALA A 165 9.83 -21.62 -0.30
CA ALA A 165 8.98 -22.41 -1.19
C ALA A 165 9.62 -23.78 -1.35
N VAL A 166 8.78 -24.80 -1.60
CA VAL A 166 9.27 -26.17 -1.71
C VAL A 166 8.87 -26.78 -3.05
N VAL A 167 9.58 -27.84 -3.45
CA VAL A 167 9.16 -28.65 -4.58
C VAL A 167 9.09 -30.13 -4.20
N ALA A 168 8.05 -30.81 -4.68
CA ALA A 168 7.68 -32.11 -4.16
C ALA A 168 6.52 -32.68 -4.95
N MET A 169 6.25 -33.96 -4.77
CA MET A 169 5.21 -34.64 -5.53
C MET A 169 3.85 -34.54 -4.85
N ARG A 170 2.83 -34.20 -5.64
CA ARG A 170 1.44 -34.30 -5.19
C ARG A 170 0.61 -34.99 -6.26
N ASP A 171 0.05 -36.15 -5.92
CA ASP A 171 -0.83 -36.89 -6.82
C ASP A 171 -0.17 -37.19 -8.15
N GLY A 172 1.08 -37.64 -8.11
CA GLY A 172 1.79 -38.08 -9.29
C GLY A 172 2.44 -36.96 -10.09
N LYS A 173 2.31 -35.73 -9.62
CA LYS A 173 2.88 -34.58 -10.33
C LYS A 173 3.91 -33.87 -9.47
N LEU A 174 4.97 -33.36 -10.11
CA LEU A 174 5.99 -32.60 -9.40
C LEU A 174 5.63 -31.12 -9.41
N CYS A 175 5.53 -30.52 -8.22
CA CYS A 175 4.97 -29.19 -8.08
C CYS A 175 5.83 -28.27 -7.23
N LEU A 176 5.96 -27.02 -7.67
CA LEU A 176 6.50 -25.97 -6.84
C LEU A 176 5.37 -25.44 -5.95
N MET A 177 5.62 -25.37 -4.64
CA MET A 177 4.59 -24.91 -3.73
C MET A 177 5.11 -23.87 -2.74
N TRP A 178 4.26 -22.91 -2.43
CA TRP A 178 4.49 -21.99 -1.34
C TRP A 178 3.17 -21.77 -0.64
N ARG A 179 3.20 -21.17 0.54
CA ARG A 179 2.02 -21.15 1.39
C ARG A 179 1.59 -19.71 1.66
N VAL A 180 0.29 -19.52 1.88
CA VAL A 180 -0.25 -18.21 2.21
C VAL A 180 -1.25 -18.35 3.34
N GLY A 181 -1.40 -17.30 4.14
CA GLY A 181 -2.26 -17.36 5.31
C GLY A 181 -2.85 -16.02 5.72
N ASN A 182 -3.97 -16.08 6.43
CA ASN A 182 -4.66 -14.88 6.85
C ASN A 182 -4.49 -14.70 8.36
N LEU A 183 -3.98 -13.55 8.77
CA LEU A 183 -3.71 -13.32 10.19
C LEU A 183 -4.85 -12.60 10.91
N ARG A 184 -5.89 -12.24 10.14
CA ARG A 184 -7.08 -11.64 10.71
C ARG A 184 -8.25 -12.58 10.52
N LYS A 185 -9.26 -12.49 11.39
CA LYS A 185 -10.48 -13.25 11.18
C LYS A 185 -11.40 -12.57 10.16
N SER A 186 -11.02 -11.38 9.72
CA SER A 186 -11.70 -10.73 8.60
C SER A 186 -11.27 -11.42 7.31
N HIS A 187 -12.20 -11.53 6.37
CA HIS A 187 -11.93 -12.20 5.10
C HIS A 187 -11.23 -11.32 4.08
N ILE A 188 -10.51 -11.95 3.15
CA ILE A 188 -10.02 -11.28 1.96
C ILE A 188 -10.93 -11.67 0.81
N VAL A 189 -11.74 -10.71 0.37
CA VAL A 189 -12.80 -10.99 -0.59
C VAL A 189 -12.28 -11.03 -2.03
N GLU A 190 -12.86 -11.94 -2.83
CA GLU A 190 -12.46 -12.10 -4.21
C GLU A 190 -10.93 -12.15 -4.36
N ALA A 191 -10.30 -12.95 -3.53
CA ALA A 191 -8.85 -13.10 -3.53
C ALA A 191 -8.38 -14.04 -4.63
N HIS A 192 -7.20 -13.78 -5.16
CA HIS A 192 -6.60 -14.64 -6.16
C HIS A 192 -5.09 -14.46 -6.14
N VAL A 193 -4.37 -15.38 -6.76
CA VAL A 193 -2.92 -15.35 -6.70
C VAL A 193 -2.29 -15.32 -8.08
N ARG A 194 -1.00 -14.97 -8.10
CA ARG A 194 -0.23 -14.90 -9.33
C ARG A 194 1.22 -15.21 -8.98
N ALA A 195 1.94 -15.80 -9.93
CA ALA A 195 3.36 -16.06 -9.73
C ALA A 195 4.14 -15.75 -11.00
N GLN A 196 5.40 -15.39 -10.83
CA GLN A 196 6.25 -15.06 -11.98
C GLN A 196 7.72 -15.42 -11.73
N LEU A 197 8.37 -15.92 -12.77
CA LEU A 197 9.80 -16.19 -12.72
C LEU A 197 10.56 -14.98 -13.26
N ILE A 198 11.46 -14.44 -12.47
CA ILE A 198 12.23 -13.27 -12.89
C ILE A 198 13.68 -13.65 -13.16
N LYS A 199 14.20 -13.24 -14.31
CA LYS A 199 15.60 -13.44 -14.64
C LYS A 199 15.90 -12.88 -16.03
N PRO A 200 17.14 -12.40 -16.23
CA PRO A 200 17.53 -11.82 -17.52
C PRO A 200 17.69 -12.91 -18.56
N ARG A 201 17.40 -12.60 -19.82
CA ARG A 201 17.56 -13.58 -20.89
C ARG A 201 17.80 -12.94 -22.26
N ILE A 202 18.33 -13.75 -23.18
CA ILE A 202 18.61 -13.29 -24.53
C ILE A 202 17.82 -14.10 -25.56
N THR A 203 16.96 -13.41 -26.31
CA THR A 203 16.15 -14.08 -27.31
C THR A 203 17.05 -14.62 -28.41
N GLU A 204 16.54 -15.62 -29.15
CA GLU A 204 17.31 -16.26 -30.20
C GLU A 204 17.79 -15.24 -31.24
N GLU A 205 17.16 -14.07 -31.24
CA GLU A 205 17.56 -12.98 -32.12
C GLU A 205 18.70 -12.15 -31.55
N GLY A 206 19.12 -12.49 -30.33
CA GLY A 206 20.21 -11.78 -29.69
C GLY A 206 19.79 -10.50 -28.99
N GLU A 207 18.53 -10.45 -28.57
CA GLU A 207 18.01 -9.30 -27.84
C GLU A 207 18.07 -9.53 -26.33
N TYR A 208 18.75 -8.63 -25.62
CA TYR A 208 18.89 -8.76 -24.18
C TYR A 208 17.72 -8.12 -23.44
N ILE A 209 17.06 -8.92 -22.60
CA ILE A 209 15.99 -8.42 -21.74
C ILE A 209 16.51 -8.38 -20.31
N PRO A 210 16.74 -7.18 -19.78
CA PRO A 210 17.42 -7.04 -18.49
C PRO A 210 16.77 -7.92 -17.42
N LEU A 211 15.46 -7.84 -17.28
CA LEU A 211 14.70 -8.80 -16.49
C LEU A 211 13.42 -9.18 -17.22
N ASP A 212 13.28 -10.45 -17.57
CA ASP A 212 12.04 -10.89 -18.19
C ASP A 212 11.14 -11.45 -17.10
N GLN A 213 9.85 -11.09 -17.16
CA GLN A 213 8.89 -11.61 -16.21
C GLN A 213 8.05 -12.69 -16.88
N ILE A 214 8.11 -13.90 -16.32
CA ILE A 214 7.49 -15.05 -16.95
C ILE A 214 6.43 -15.65 -16.03
N ASP A 215 5.21 -15.79 -16.56
CA ASP A 215 4.11 -16.28 -15.75
C ASP A 215 4.33 -17.71 -15.28
N ILE A 216 4.12 -17.92 -13.98
CA ILE A 216 4.06 -19.24 -13.39
C ILE A 216 2.59 -19.60 -13.18
N ASP A 217 2.13 -20.65 -13.85
CA ASP A 217 0.70 -20.95 -13.86
C ASP A 217 0.23 -21.60 -12.56
N VAL A 218 -0.64 -20.88 -11.87
CA VAL A 218 -1.28 -21.36 -10.65
C VAL A 218 -2.70 -21.91 -10.87
N GLY A 219 -3.10 -22.03 -12.14
CA GLY A 219 -4.42 -22.53 -12.47
C GLY A 219 -5.37 -21.47 -12.96
N PHE A 220 -4.84 -20.32 -13.35
CA PHE A 220 -5.65 -19.22 -13.86
C PHE A 220 -6.67 -19.66 -14.91
N ASP A 221 -6.24 -20.52 -15.81
CA ASP A 221 -7.08 -20.95 -16.94
C ASP A 221 -8.37 -21.61 -16.45
N LYS A 222 -8.26 -22.41 -15.41
CA LYS A 222 -9.39 -23.18 -14.90
C LYS A 222 -10.09 -22.42 -13.79
N GLY A 223 -9.61 -21.22 -13.51
CA GLY A 223 -10.22 -20.38 -12.49
C GLY A 223 -9.75 -20.78 -11.11
N LEU A 224 -8.64 -21.52 -11.07
CA LEU A 224 -8.16 -22.08 -9.83
C LEU A 224 -7.22 -21.12 -9.09
N ASP A 225 -6.86 -20.02 -9.74
CA ASP A 225 -6.03 -19.01 -9.08
C ASP A 225 -6.86 -18.24 -8.06
N ARG A 226 -8.18 -18.36 -8.17
CA ARG A 226 -9.09 -17.78 -7.19
C ARG A 226 -9.13 -18.70 -5.99
N ILE A 227 -8.98 -18.13 -4.80
CA ILE A 227 -8.92 -18.94 -3.60
C ILE A 227 -9.90 -18.44 -2.54
N PHE A 228 -10.31 -19.35 -1.66
CA PHE A 228 -11.08 -18.97 -0.49
C PHE A 228 -10.18 -19.20 0.70
N LEU A 229 -9.72 -18.10 1.30
CA LEU A 229 -8.66 -18.18 2.29
C LEU A 229 -9.18 -18.00 3.71
N VAL A 230 -9.20 -19.10 4.45
CA VAL A 230 -9.56 -19.08 5.86
C VAL A 230 -8.32 -19.53 6.62
N SER A 231 -8.04 -20.83 6.55
CA SER A 231 -6.78 -21.36 7.05
C SER A 231 -5.73 -21.19 5.96
N PRO A 232 -4.44 -21.28 6.33
CA PRO A 232 -3.38 -21.20 5.34
C PRO A 232 -3.58 -22.17 4.18
N ILE A 233 -3.43 -21.67 2.97
CA ILE A 233 -3.50 -22.50 1.77
C ILE A 233 -2.11 -22.72 1.20
N THR A 234 -1.86 -23.92 0.70
CA THR A 234 -0.63 -24.18 -0.02
C THR A 234 -0.88 -24.01 -1.50
N ILE A 235 -0.10 -23.15 -2.14
CA ILE A 235 -0.28 -22.83 -3.55
C ILE A 235 0.60 -23.74 -4.39
N LEU A 236 0.03 -24.29 -5.44
CA LEU A 236 0.73 -25.28 -6.26
C LEU A 236 0.95 -24.81 -7.69
N HIS A 237 2.20 -24.88 -8.12
CA HIS A 237 2.54 -24.76 -9.52
C HIS A 237 2.96 -26.13 -10.01
N GLU A 238 2.18 -26.71 -10.90
CA GLU A 238 2.56 -27.98 -11.52
C GLU A 238 3.62 -27.76 -12.58
N ILE A 239 4.74 -28.43 -12.43
CA ILE A 239 5.85 -28.23 -13.35
C ILE A 239 5.69 -29.21 -14.51
N ASN A 240 5.42 -28.65 -15.69
CA ASN A 240 5.12 -29.46 -16.87
C ASN A 240 5.74 -28.86 -18.13
N GLU A 241 5.35 -29.40 -19.28
CA GLU A 241 5.91 -28.98 -20.56
C GLU A 241 5.94 -27.47 -20.69
N ASP A 242 4.87 -26.82 -20.25
CA ASP A 242 4.72 -25.38 -20.43
C ASP A 242 5.24 -24.58 -19.24
N SER A 243 5.85 -25.27 -18.29
CA SER A 243 6.44 -24.60 -17.13
C SER A 243 7.85 -24.11 -17.43
N PRO A 244 8.19 -22.91 -16.95
CA PRO A 244 9.53 -22.33 -17.08
C PRO A 244 10.55 -23.09 -16.24
N LEU A 245 10.07 -23.88 -15.29
CA LEU A 245 10.93 -24.67 -14.43
C LEU A 245 11.08 -26.11 -14.94
N PHE A 246 10.48 -26.38 -16.09
CA PHE A 246 10.38 -27.74 -16.62
C PHE A 246 11.70 -28.51 -16.62
N GLY A 247 12.76 -27.87 -17.13
CA GLY A 247 14.05 -28.53 -17.24
C GLY A 247 14.99 -28.34 -16.08
N ILE A 248 14.45 -27.95 -14.92
CA ILE A 248 15.27 -27.69 -13.75
C ILE A 248 15.21 -28.81 -12.72
N SER A 249 16.39 -29.24 -12.24
CA SER A 249 16.48 -30.30 -11.25
C SER A 249 17.03 -29.77 -9.94
N ARG A 250 17.14 -30.65 -8.94
CA ARG A 250 17.58 -30.25 -7.61
C ARG A 250 18.98 -29.63 -7.60
N GLN A 251 19.84 -30.10 -8.50
CA GLN A 251 21.21 -29.58 -8.58
C GLN A 251 21.26 -28.24 -9.30
N ASP A 252 20.31 -28.01 -10.21
CA ASP A 252 20.22 -26.74 -10.90
C ASP A 252 19.77 -25.65 -9.94
N LEU A 253 19.28 -26.04 -8.78
CA LEU A 253 18.75 -25.10 -7.80
C LEU A 253 19.86 -24.42 -7.00
N GLU A 254 20.95 -25.15 -6.75
CA GLU A 254 22.07 -24.61 -5.99
C GLU A 254 23.06 -23.90 -6.91
N THR A 255 22.80 -24.00 -8.21
CA THR A 255 23.65 -23.38 -9.23
C THR A 255 23.01 -22.13 -9.83
N ASP A 256 21.86 -22.32 -10.44
CA ASP A 256 21.18 -21.28 -11.21
C ASP A 256 20.89 -20.02 -10.38
N ASP A 257 20.84 -18.89 -11.07
CA ASP A 257 20.42 -17.65 -10.44
C ASP A 257 19.15 -17.16 -11.12
N PHE A 258 18.08 -17.13 -10.34
CA PHE A 258 16.81 -16.56 -10.77
C PHE A 258 15.95 -16.29 -9.55
N GLU A 259 14.76 -15.75 -9.77
CA GLU A 259 13.89 -15.37 -8.67
C GLU A 259 12.44 -15.70 -9.00
N ILE A 260 11.69 -16.12 -8.00
CA ILE A 260 10.25 -16.31 -8.15
C ILE A 260 9.49 -15.29 -7.33
N VAL A 261 8.58 -14.57 -7.98
CA VAL A 261 7.79 -13.56 -7.32
C VAL A 261 6.35 -14.00 -7.13
N VAL A 262 5.86 -13.93 -5.90
CA VAL A 262 4.52 -14.38 -5.58
C VAL A 262 3.62 -13.23 -5.15
N ILE A 263 2.40 -13.20 -5.68
CA ILE A 263 1.47 -12.13 -5.39
C ILE A 263 0.15 -12.67 -4.86
N LEU A 264 -0.46 -11.92 -3.95
CA LEU A 264 -1.81 -12.22 -3.49
C LEU A 264 -2.63 -10.94 -3.56
N GLU A 265 -3.66 -10.97 -4.40
CA GLU A 265 -4.56 -9.83 -4.52
C GLU A 265 -5.94 -10.16 -3.99
N GLY A 266 -6.57 -9.20 -3.34
CA GLY A 266 -7.86 -9.40 -2.71
C GLY A 266 -8.43 -8.11 -2.18
N MET A 267 -9.62 -8.18 -1.61
CA MET A 267 -10.31 -6.99 -1.12
C MET A 267 -10.43 -7.00 0.39
N VAL A 268 -10.05 -5.91 1.03
CA VAL A 268 -10.25 -5.77 2.47
C VAL A 268 -11.75 -5.87 2.72
N GLU A 269 -12.15 -6.80 3.58
CA GLU A 269 -13.56 -7.11 3.74
C GLU A 269 -14.38 -5.88 4.10
N ALA A 270 -13.86 -5.07 5.02
CA ALA A 270 -14.59 -3.90 5.51
C ALA A 270 -14.75 -2.77 4.49
N THR A 271 -13.67 -2.43 3.79
CA THR A 271 -13.75 -1.37 2.79
C THR A 271 -13.89 -1.83 1.34
N ALA A 272 -13.83 -3.13 1.10
CA ALA A 272 -13.83 -3.66 -0.26
C ALA A 272 -12.83 -2.92 -1.15
N MET A 273 -11.64 -2.68 -0.62
CA MET A 273 -10.57 -2.05 -1.39
C MET A 273 -9.45 -3.04 -1.63
N THR A 274 -9.11 -3.25 -2.90
CA THR A 274 -8.10 -4.24 -3.25
C THR A 274 -6.75 -3.92 -2.64
N THR A 275 -6.18 -4.89 -1.94
CA THR A 275 -4.80 -4.80 -1.48
C THR A 275 -3.96 -5.82 -2.22
N GLN A 276 -2.69 -5.52 -2.43
CA GLN A 276 -1.79 -6.45 -3.10
C GLN A 276 -0.60 -6.78 -2.20
N ALA A 277 -0.49 -8.05 -1.82
CA ALA A 277 0.63 -8.51 -1.00
C ALA A 277 1.66 -9.24 -1.86
N ARG A 278 2.93 -9.08 -1.54
CA ARG A 278 3.98 -9.71 -2.32
C ARG A 278 5.08 -10.32 -1.46
N SER A 279 5.85 -11.23 -2.07
CA SER A 279 7.05 -11.77 -1.47
C SER A 279 7.86 -12.43 -2.58
N SER A 280 9.00 -13.01 -2.23
CA SER A 280 9.91 -13.52 -3.24
C SER A 280 10.69 -14.75 -2.76
N TYR A 281 10.95 -15.67 -3.67
CA TYR A 281 11.81 -16.81 -3.37
C TYR A 281 12.94 -16.90 -4.39
N LEU A 282 14.18 -16.80 -3.91
CA LEU A 282 15.35 -17.06 -4.74
C LEU A 282 15.53 -18.55 -4.93
N ALA A 283 16.21 -18.94 -6.01
CA ALA A 283 16.49 -20.34 -6.26
C ALA A 283 17.10 -20.98 -5.02
N SER A 284 17.81 -20.18 -4.22
CA SER A 284 18.44 -20.67 -3.01
C SER A 284 17.52 -20.65 -1.79
N GLU A 285 16.33 -20.07 -1.95
CA GLU A 285 15.32 -20.11 -0.89
C GLU A 285 14.27 -21.19 -1.14
N ILE A 286 14.39 -21.89 -2.25
CA ILE A 286 13.48 -22.99 -2.56
C ILE A 286 14.06 -24.30 -2.04
N LEU A 287 13.27 -25.01 -1.26
CA LEU A 287 13.73 -26.26 -0.66
C LEU A 287 13.22 -27.44 -1.48
N TRP A 288 14.13 -28.09 -2.19
CA TRP A 288 13.79 -29.26 -2.98
C TRP A 288 13.63 -30.47 -2.07
N GLY A 289 12.57 -31.24 -2.27
CA GLY A 289 12.35 -32.45 -1.51
C GLY A 289 11.74 -32.25 -0.14
N HIS A 290 11.10 -31.10 0.08
CA HIS A 290 10.46 -30.84 1.37
C HIS A 290 8.94 -30.76 1.24
N ARG A 291 8.27 -30.61 2.38
CA ARG A 291 6.82 -30.53 2.43
C ARG A 291 6.42 -29.69 3.64
N PHE A 292 5.34 -28.94 3.52
CA PHE A 292 4.93 -28.04 4.60
C PHE A 292 4.30 -28.78 5.77
N GLU A 293 4.57 -28.31 6.98
CA GLU A 293 3.97 -28.86 8.18
C GLU A 293 2.54 -28.35 8.33
N PRO A 294 1.59 -29.26 8.57
CA PRO A 294 0.17 -28.89 8.70
C PRO A 294 -0.09 -27.97 9.88
N VAL A 295 -0.74 -26.83 9.64
CA VAL A 295 -1.08 -25.90 10.72
C VAL A 295 -2.51 -26.04 11.20
N LEU A 296 -3.30 -26.89 10.55
CA LEU A 296 -4.71 -27.04 10.87
C LEU A 296 -5.04 -28.40 11.46
N PHE A 297 -5.83 -28.40 12.54
CA PHE A 297 -6.25 -29.63 13.21
C PHE A 297 -7.63 -29.48 13.84
N GLU A 298 -8.32 -30.61 14.02
CA GLU A 298 -9.69 -30.59 14.52
C GLU A 298 -9.75 -30.88 16.02
N GLU A 299 -10.19 -29.87 16.77
CA GLU A 299 -10.43 -29.96 18.21
C GLU A 299 -11.87 -30.29 18.64
N LYS A 300 -12.68 -30.85 17.74
CA LYS A 300 -14.00 -31.36 18.16
C LYS A 300 -15.02 -30.27 18.50
N ASN A 301 -15.72 -29.81 17.45
CA ASN A 301 -16.64 -28.67 17.44
C ASN A 301 -16.01 -27.34 17.02
N GLN A 302 -14.71 -27.36 16.76
CA GLN A 302 -14.16 -26.43 15.79
C GLN A 302 -12.77 -26.81 15.32
N TYR A 303 -12.19 -25.93 14.51
CA TYR A 303 -10.85 -26.12 13.96
C TYR A 303 -9.89 -25.07 14.52
N LYS A 304 -8.61 -25.42 14.62
CA LYS A 304 -7.63 -24.44 15.08
C LYS A 304 -6.41 -24.42 14.17
N VAL A 305 -5.76 -23.27 14.10
CA VAL A 305 -4.56 -23.11 13.31
C VAL A 305 -3.38 -22.75 14.21
N ASP A 306 -2.36 -23.60 14.20
CA ASP A 306 -1.14 -23.30 14.92
C ASP A 306 -0.18 -22.65 13.95
N TYR A 307 0.08 -21.36 14.15
CA TYR A 307 0.81 -20.56 13.18
C TYR A 307 2.33 -20.71 13.29
N SER A 308 2.79 -21.33 14.38
CA SER A 308 4.22 -21.56 14.56
C SER A 308 4.74 -22.66 13.64
N HIS A 309 3.84 -23.43 13.05
CA HIS A 309 4.20 -24.49 12.11
C HIS A 309 4.12 -24.01 10.67
N PHE A 310 3.71 -22.77 10.49
CA PHE A 310 3.47 -22.21 9.16
C PHE A 310 4.67 -22.30 8.24
N HIS A 311 5.83 -21.89 8.75
CA HIS A 311 7.05 -21.82 7.94
C HIS A 311 7.80 -23.15 7.87
N LYS A 312 7.44 -24.08 8.76
CA LYS A 312 8.21 -25.31 8.93
C LYS A 312 8.00 -26.33 7.81
N THR A 313 9.09 -26.97 7.40
CA THR A 313 9.05 -27.99 6.37
C THR A 313 9.80 -29.24 6.82
N TYR A 314 9.43 -30.39 6.27
CA TYR A 314 10.10 -31.65 6.59
C TYR A 314 10.59 -32.37 5.34
N GLU A 315 11.66 -33.15 5.49
CA GLU A 315 12.27 -33.83 4.37
C GLU A 315 11.47 -35.04 3.88
N VAL A 316 11.37 -35.17 2.57
CA VAL A 316 10.74 -36.33 1.95
C VAL A 316 11.76 -37.00 1.04
N PRO A 317 12.56 -37.92 1.61
CA PRO A 317 13.64 -38.58 0.87
C PRO A 317 13.16 -39.33 -0.37
N SER A 318 11.85 -39.61 -0.43
CA SER A 318 11.26 -40.31 -1.56
C SER A 318 11.25 -39.45 -2.82
N THR A 319 11.61 -38.17 -2.68
CA THR A 319 11.48 -37.23 -3.79
C THR A 319 12.61 -37.35 -4.80
N PRO A 320 12.24 -37.38 -6.10
CA PRO A 320 13.13 -37.36 -7.26
C PRO A 320 13.95 -36.08 -7.35
N ARG A 321 15.22 -36.21 -7.70
CA ARG A 321 16.13 -35.08 -7.77
C ARG A 321 16.31 -34.51 -9.18
N CYS A 322 15.68 -35.12 -10.18
CA CYS A 322 15.83 -34.65 -11.55
C CYS A 322 14.73 -33.68 -11.93
N SER A 323 14.83 -33.11 -13.13
CA SER A 323 13.82 -32.19 -13.63
C SER A 323 12.56 -32.92 -14.07
N ALA A 324 11.44 -32.21 -14.13
CA ALA A 324 10.21 -32.76 -14.68
C ALA A 324 10.52 -33.30 -16.08
N LYS A 325 11.36 -32.56 -16.80
CA LYS A 325 11.75 -32.93 -18.16
C LYS A 325 12.33 -34.34 -18.20
N ASP A 326 13.38 -34.57 -17.43
CA ASP A 326 13.98 -35.89 -17.32
C ASP A 326 12.91 -36.87 -16.88
N LEU A 327 12.24 -36.53 -15.79
CA LEU A 327 11.23 -37.40 -15.18
C LEU A 327 10.27 -37.91 -16.25
N VAL A 328 9.75 -36.98 -17.06
CA VAL A 328 8.87 -37.34 -18.17
C VAL A 328 9.60 -38.21 -19.17
N GLU A 329 10.71 -37.70 -19.69
CA GLU A 329 11.47 -38.39 -20.73
C GLU A 329 11.81 -39.83 -20.33
N ASN A 330 12.20 -40.00 -19.07
CA ASN A 330 12.55 -41.32 -18.55
C ASN A 330 11.36 -42.27 -18.55
N LYS A 331 10.20 -41.76 -18.14
CA LYS A 331 8.96 -42.53 -18.17
C LYS A 331 8.74 -43.16 -19.54
N PHE A 332 9.16 -42.46 -20.57
CA PHE A 332 8.97 -42.89 -21.95
C PHE A 332 10.13 -43.71 -22.54
N LEU A 333 11.10 -44.04 -21.71
CA LEU A 333 12.03 -45.09 -22.03
C LEU A 333 11.47 -46.39 -21.47
N LEU A 334 11.28 -46.42 -20.16
CA LEU A 334 10.66 -47.56 -19.49
C LEU A 334 9.40 -48.01 -20.20
N SER A 335 8.47 -47.09 -20.42
CA SER A 335 7.21 -47.44 -21.10
C SER A 335 7.41 -47.72 -22.58
N ASN A 336 8.56 -47.30 -23.10
CA ASN A 336 8.91 -47.51 -24.50
C ASN A 336 9.74 -48.78 -24.71
N SER A 337 10.07 -49.43 -23.59
CA SER A 337 10.94 -50.61 -23.61
C SER A 337 10.81 -51.41 -22.33
K K B . -19.75 33.61 21.92
K K C . -19.39 31.46 20.18
K K D . -19.00 29.15 18.30
K K E . -18.58 26.64 16.27
C1 PIO F . 4.37 7.20 9.92
O1 PIO F . 4.43 8.62 10.08
P1 PIO F . 4.70 9.32 11.52
C2 PIO F . 5.67 6.52 10.31
O2 PIO F . 6.68 6.82 9.35
C3 PIO F . 5.41 5.02 10.34
O3 PIO F . 6.56 4.34 10.85
C4 PIO F . 5.08 4.52 8.94
O4 PIO F . 4.69 3.15 9.03
P4 PIO F . 5.41 2.03 8.13
C5 PIO F . 3.94 5.32 8.28
O5 PIO F . 3.93 4.99 6.90
P5 PIO F . 2.71 5.39 5.93
C6 PIO F . 4.08 6.84 8.47
O6 PIO F . 2.87 7.49 8.06
O11 PIO F . 5.57 8.42 12.37
O12 PIO F . 5.16 10.73 11.22
O13 PIO F . 3.26 9.41 12.22
C1A PIO F . -0.22 9.22 13.50
O1A PIO F . -0.07 8.01 13.52
C1B PIO F . 2.37 13.61 14.40
O1B PIO F . 2.69 14.50 13.63
C1C PIO F . 3.16 9.19 13.63
C2A PIO F . -1.60 9.81 13.68
C2B PIO F . 1.97 13.94 15.82
C2C PIO F . 1.94 9.85 14.26
O2C PIO F . 0.93 10.07 13.28
C3A PIO F . -1.67 10.70 14.91
C3B PIO F . 0.97 15.10 15.82
C3C PIO F . 2.34 11.17 14.91
O3C PIO F . 2.37 12.23 13.95
O41 PIO F . 6.69 1.74 8.87
O42 PIO F . 5.61 2.67 6.78
O43 PIO F . 4.44 0.87 8.15
C4A PIO F . -3.03 11.37 15.02
C4B PIO F . 0.43 15.35 17.22
O51 PIO F . 2.79 4.38 4.80
O52 PIO F . 1.48 5.26 6.80
O53 PIO F . 3.02 6.80 5.49
C5A PIO F . -3.13 12.25 16.26
#